data_7R4M
#
_entry.id   7R4M
#
_cell.length_a   68.470
_cell.length_b   68.470
_cell.length_c   223.420
_cell.angle_alpha   90.000
_cell.angle_beta   90.000
_cell.angle_gamma   90.000
#
_symmetry.space_group_name_H-M   'P 43 21 2'
#
loop_
_entity.id
_entity.type
_entity.pdbx_description
1 polymer 'NAD kinase 2, mitochondrial'
2 non-polymer 'NADP NICOTINAMIDE-ADENINE-DINUCLEOTIDE PHOSPHATE'
3 non-polymer 'CALCIUM ION'
4 water water
#
_entity_poly.entity_id   1
_entity_poly.type   'polypeptide(L)'
_entity_poly.pdbx_seq_one_letter_code
;MGHHHHHHGRADGGFRPSRVVVVAKTTRYEFEQQRYRYAELSEEDLKQLLALKGSSYSGLLERHHIHTKNVEHIIDSLRN
EGIEVRLVKRREYDEETVRWADAVIAAGGDGTMLLAASKVLDRLKPVIGVNTDPERSEGHLCLPVRYTHSFPEALQKFYR
GEFRWLWRQRIRLYLEGTGINPVPVDLHEQQLSLNQHNRALNIERAHDERSEASGPQLLPVRALNEVFIGESLSSRASYY
EISVDDGPWEKQKSSGLNLCTGTGSKAWSFNINRVATQAVEDVLNIAKRQGNLSLPLNRELVEKVTNEYNESLLYSPEEP
KILFSIREPIANRVFSSSRQRCFSSKVCVRSRCWDACMVVDGGTSFEFNDGAIASMMINKEDELRTVLLEQ
;
_entity_poly.pdbx_strand_id   A
#
# COMPACT_ATOMS: atom_id res chain seq x y z
N GLY A 14 6.34 -11.10 25.69
CA GLY A 14 7.34 -11.43 24.71
C GLY A 14 6.82 -12.37 23.64
N PHE A 15 7.62 -12.55 22.59
CA PHE A 15 7.15 -13.19 21.36
C PHE A 15 8.31 -13.93 20.73
N ARG A 16 8.20 -15.25 20.70
CA ARG A 16 9.27 -16.09 20.14
C ARG A 16 8.65 -17.15 19.24
N PRO A 17 8.48 -16.94 17.92
CA PRO A 17 7.99 -18.01 17.05
C PRO A 17 8.98 -19.18 17.05
N SER A 18 8.45 -20.39 16.89
CA SER A 18 9.31 -21.52 16.58
C SER A 18 9.31 -21.86 15.09
N ARG A 19 8.44 -21.22 14.31
CA ARG A 19 8.23 -21.63 12.94
C ARG A 19 8.00 -20.36 12.15
N VAL A 20 8.80 -20.13 11.10
CA VAL A 20 8.81 -18.85 10.40
C VAL A 20 8.98 -19.11 8.91
N VAL A 21 8.13 -18.51 8.08
CA VAL A 21 8.36 -18.44 6.64
C VAL A 21 8.91 -17.07 6.31
N VAL A 22 10.02 -17.04 5.56
CA VAL A 22 10.61 -15.82 5.04
C VAL A 22 10.29 -15.76 3.54
N VAL A 23 9.61 -14.68 3.11
CA VAL A 23 9.31 -14.44 1.70
C VAL A 23 10.32 -13.41 1.23
N ALA A 24 11.15 -13.76 0.25
CA ALA A 24 12.18 -12.86 -0.22
C ALA A 24 11.83 -12.40 -1.63
N LYS A 25 12.03 -11.12 -1.89
CA LYS A 25 11.74 -10.60 -3.22
C LYS A 25 12.66 -11.26 -4.26
N THR A 26 12.19 -11.29 -5.50
CA THR A 26 13.03 -11.63 -6.64
C THR A 26 13.80 -10.38 -7.08
N THR A 27 15.13 -10.49 -7.17
CA THR A 27 15.97 -9.38 -7.62
C THR A 27 15.93 -9.24 -9.14
N ARG A 28 16.26 -8.03 -9.58
CA ARG A 28 16.40 -7.79 -11.04
CA ARG A 28 16.43 -7.83 -11.06
C ARG A 28 17.35 -8.85 -11.81
N TYR A 29 18.45 -9.10 -11.10
CA TYR A 29 19.39 -10.07 -11.64
C TYR A 29 18.72 -11.43 -11.82
N GLU A 30 18.03 -11.91 -10.77
CA GLU A 30 17.26 -13.14 -10.89
C GLU A 30 16.23 -13.05 -12.01
N PHE A 31 15.65 -11.86 -12.21
CA PHE A 31 14.70 -11.65 -13.28
C PHE A 31 15.34 -11.90 -14.63
N GLU A 32 16.44 -11.18 -14.92
CA GLU A 32 17.13 -11.38 -16.19
C GLU A 32 17.66 -12.80 -16.33
N GLN A 33 18.10 -13.37 -15.21
CA GLN A 33 18.61 -14.76 -15.24
C GLN A 33 17.47 -15.71 -15.64
N GLN A 34 16.23 -15.36 -15.29
CA GLN A 34 15.10 -16.23 -15.61
C GLN A 34 14.60 -16.01 -17.02
N LEU A 52 25.89 -7.23 -21.30
CA LEU A 52 25.21 -6.12 -20.64
C LEU A 52 25.03 -4.99 -21.64
N LYS A 53 24.14 -4.06 -21.29
CA LYS A 53 23.93 -2.84 -22.06
C LYS A 53 24.64 -1.67 -21.38
N GLY A 54 23.90 -0.91 -20.58
CA GLY A 54 24.48 0.19 -19.84
C GLY A 54 23.63 0.62 -18.67
N SER A 55 22.36 0.18 -18.68
CA SER A 55 21.42 0.51 -17.62
C SER A 55 21.22 -0.64 -16.65
N SER A 56 22.18 -1.55 -16.54
CA SER A 56 22.00 -2.76 -15.75
C SER A 56 23.34 -3.42 -15.48
N TYR A 57 23.29 -4.69 -15.10
CA TYR A 57 24.43 -5.55 -14.79
C TYR A 57 25.32 -5.01 -13.67
N SER A 58 26.19 -4.05 -14.00
CA SER A 58 27.14 -3.51 -13.03
C SER A 58 26.46 -3.20 -11.70
N GLY A 59 25.47 -2.31 -11.73
CA GLY A 59 24.69 -2.05 -10.54
C GLY A 59 23.82 -3.23 -10.15
N LEU A 60 23.29 -3.96 -11.15
CA LEU A 60 22.32 -5.02 -10.87
C LEU A 60 22.92 -6.17 -10.08
N LEU A 61 24.15 -6.57 -10.39
CA LEU A 61 24.76 -7.68 -9.67
C LEU A 61 25.12 -7.29 -8.24
N GLU A 62 25.59 -6.06 -8.06
CA GLU A 62 25.81 -5.54 -6.71
C GLU A 62 24.49 -5.41 -5.96
N ARG A 63 23.43 -4.95 -6.64
CA ARG A 63 22.11 -4.95 -6.00
C ARG A 63 21.74 -6.36 -5.53
N HIS A 64 22.02 -7.37 -6.36
CA HIS A 64 21.66 -8.75 -6.02
C HIS A 64 22.50 -9.29 -4.86
N HIS A 65 23.79 -8.97 -4.82
CA HIS A 65 24.64 -9.47 -3.74
C HIS A 65 24.22 -8.90 -2.40
N ILE A 66 23.80 -7.64 -2.38
CA ILE A 66 23.41 -7.02 -1.13
C ILE A 66 22.16 -7.70 -0.56
N HIS A 67 21.11 -7.84 -1.38
CA HIS A 67 19.89 -8.51 -0.94
C HIS A 67 20.19 -9.93 -0.44
N THR A 68 20.97 -10.70 -1.21
CA THR A 68 21.26 -12.08 -0.83
C THR A 68 22.06 -12.15 0.48
N LYS A 69 23.07 -11.30 0.63
CA LYS A 69 23.82 -11.23 1.88
C LYS A 69 22.89 -10.99 3.07
N ASN A 70 21.90 -10.11 2.90
CA ASN A 70 21.02 -9.80 4.02
C ASN A 70 19.99 -10.88 4.26
N VAL A 71 19.51 -11.56 3.22
CA VAL A 71 18.61 -12.68 3.44
C VAL A 71 19.31 -13.76 4.28
N GLU A 72 20.55 -14.07 3.92
CA GLU A 72 21.33 -15.08 4.64
C GLU A 72 21.53 -14.70 6.11
N HIS A 73 21.76 -13.41 6.39
CA HIS A 73 21.91 -12.96 7.76
C HIS A 73 20.61 -13.17 8.55
N ILE A 74 19.47 -12.87 7.93
CA ILE A 74 18.17 -13.10 8.58
C ILE A 74 18.00 -14.56 8.92
N ILE A 75 18.26 -15.43 7.96
CA ILE A 75 17.97 -16.85 8.15
C ILE A 75 18.97 -17.47 9.13
N ASP A 76 20.25 -17.14 9.00
CA ASP A 76 21.24 -17.62 9.96
C ASP A 76 20.88 -17.19 11.37
N SER A 77 20.44 -15.93 11.53
CA SER A 77 20.06 -15.42 12.85
C SER A 77 18.87 -16.18 13.43
N LEU A 78 17.86 -16.45 12.61
CA LEU A 78 16.68 -17.20 13.06
C LEU A 78 17.07 -18.61 13.49
N ARG A 79 17.79 -19.33 12.64
CA ARG A 79 18.19 -20.69 12.96
C ARG A 79 19.07 -20.73 14.21
N ASN A 80 19.88 -19.69 14.43
CA ASN A 80 20.70 -19.64 15.63
C ASN A 80 19.87 -19.45 16.89
N GLU A 81 18.65 -18.92 16.78
CA GLU A 81 17.72 -18.90 17.91
C GLU A 81 16.94 -20.21 18.05
N GLY A 82 17.22 -21.22 17.23
CA GLY A 82 16.44 -22.44 17.26
C GLY A 82 15.13 -22.40 16.50
N ILE A 83 14.92 -21.41 15.64
CA ILE A 83 13.68 -21.25 14.93
C ILE A 83 13.77 -22.02 13.60
N GLU A 84 12.75 -22.85 13.32
CA GLU A 84 12.67 -23.52 12.03
C GLU A 84 12.22 -22.53 10.96
N VAL A 85 12.86 -22.56 9.79
CA VAL A 85 12.71 -21.51 8.79
C VAL A 85 12.54 -22.13 7.42
N ARG A 86 11.54 -21.64 6.66
CA ARG A 86 11.35 -21.95 5.25
C ARG A 86 11.51 -20.67 4.46
N LEU A 87 12.50 -20.65 3.56
CA LEU A 87 12.77 -19.50 2.71
C LEU A 87 12.14 -19.74 1.34
N VAL A 88 11.26 -18.84 0.91
CA VAL A 88 10.57 -19.01 -0.36
C VAL A 88 10.59 -17.70 -1.15
N LYS A 89 10.57 -17.84 -2.47
CA LYS A 89 10.26 -16.75 -3.39
C LYS A 89 8.77 -16.69 -3.68
N ARG A 90 8.37 -15.61 -4.34
CA ARG A 90 6.96 -15.28 -4.56
C ARG A 90 6.13 -16.48 -5.04
N ARG A 91 6.61 -17.21 -6.04
CA ARG A 91 5.84 -18.35 -6.63
C ARG A 91 5.57 -19.48 -5.64
N GLU A 92 6.41 -19.62 -4.62
CA GLU A 92 6.24 -20.66 -3.62
C GLU A 92 5.63 -20.13 -2.32
N TYR A 93 5.43 -18.82 -2.22
CA TYR A 93 4.73 -18.25 -1.08
C TYR A 93 3.23 -18.55 -1.21
N ASP A 94 2.72 -19.48 -0.41
CA ASP A 94 1.31 -19.84 -0.48
C ASP A 94 0.69 -19.87 0.91
N GLU A 95 -0.62 -20.05 0.91
CA GLU A 95 -1.42 -20.04 2.13
C GLU A 95 -1.08 -21.22 3.02
N GLU A 96 -0.85 -22.40 2.42
CA GLU A 96 -0.34 -23.54 3.16
C GLU A 96 0.87 -23.15 4.01
N THR A 97 1.84 -22.46 3.39
CA THR A 97 3.06 -22.14 4.12
C THR A 97 2.77 -21.10 5.20
N VAL A 98 1.89 -20.14 4.92
CA VAL A 98 1.42 -19.20 5.95
C VAL A 98 0.81 -19.97 7.12
N ARG A 99 -0.03 -20.96 6.82
CA ARG A 99 -0.66 -21.75 7.87
C ARG A 99 0.37 -22.46 8.72
N TRP A 100 1.39 -23.04 8.06
CA TRP A 100 2.43 -23.76 8.77
C TRP A 100 3.18 -22.84 9.73
N ALA A 101 3.34 -21.59 9.35
CA ALA A 101 4.24 -20.69 10.05
C ALA A 101 3.55 -20.08 11.27
N ASP A 102 4.36 -19.78 12.29
CA ASP A 102 3.93 -18.93 13.39
C ASP A 102 4.00 -17.45 13.06
N ALA A 103 4.91 -17.05 12.16
CA ALA A 103 5.10 -15.66 11.76
C ALA A 103 5.57 -15.62 10.33
N VAL A 104 5.25 -14.53 9.63
CA VAL A 104 5.71 -14.29 8.26
C VAL A 104 6.73 -13.16 8.30
N ILE A 105 7.88 -13.38 7.67
CA ILE A 105 8.87 -12.33 7.49
C ILE A 105 8.97 -12.03 6.00
N ALA A 106 8.72 -10.77 5.64
CA ALA A 106 8.91 -10.30 4.27
C ALA A 106 10.30 -9.71 4.19
N ALA A 107 11.13 -10.23 3.27
CA ALA A 107 12.53 -9.83 3.14
C ALA A 107 12.68 -9.20 1.76
N GLY A 108 12.70 -7.86 1.73
CA GLY A 108 12.80 -7.08 0.52
C GLY A 108 12.53 -5.62 0.82
N GLY A 109 11.45 -5.08 0.25
CA GLY A 109 11.03 -3.72 0.50
C GLY A 109 9.55 -3.68 0.81
N ASP A 110 8.93 -2.50 0.72
CA ASP A 110 7.50 -2.42 1.01
C ASP A 110 6.69 -3.28 0.05
N GLY A 111 7.11 -3.35 -1.21
CA GLY A 111 6.47 -4.29 -2.13
C GLY A 111 6.44 -5.71 -1.60
N THR A 112 7.50 -6.12 -0.89
CA THR A 112 7.51 -7.47 -0.33
C THR A 112 6.60 -7.58 0.88
N MET A 113 6.50 -6.53 1.69
CA MET A 113 5.49 -6.53 2.74
C MET A 113 4.08 -6.68 2.18
N LEU A 114 3.76 -5.94 1.10
CA LEU A 114 2.42 -6.04 0.54
C LEU A 114 2.14 -7.45 0.02
N LEU A 115 3.12 -8.05 -0.65
CA LEU A 115 3.01 -9.43 -1.10
C LEU A 115 2.73 -10.36 0.08
N ALA A 116 3.52 -10.25 1.15
CA ALA A 116 3.33 -11.07 2.35
C ALA A 116 1.94 -10.87 2.95
N ALA A 117 1.53 -9.61 3.11
CA ALA A 117 0.21 -9.34 3.70
C ALA A 117 -0.91 -9.88 2.83
N SER A 118 -0.71 -9.94 1.51
CA SER A 118 -1.79 -10.34 0.61
C SER A 118 -2.33 -11.73 0.92
N LYS A 119 -1.50 -12.61 1.50
CA LYS A 119 -1.87 -13.99 1.80
C LYS A 119 -2.08 -14.23 3.29
N VAL A 120 -2.15 -13.20 4.11
CA VAL A 120 -2.40 -13.35 5.54
C VAL A 120 -3.77 -12.72 5.81
N LEU A 121 -4.71 -13.51 6.29
CA LEU A 121 -6.06 -13.02 6.54
C LEU A 121 -6.49 -13.18 7.99
N ASP A 122 -5.57 -13.54 8.88
CA ASP A 122 -5.83 -13.81 10.29
C ASP A 122 -5.24 -12.67 11.10
N ARG A 123 -6.08 -11.94 11.83
CA ARG A 123 -5.53 -10.79 12.56
C ARG A 123 -4.56 -11.17 13.69
N LEU A 124 -4.31 -12.45 13.95
CA LEU A 124 -3.40 -12.85 15.02
C LEU A 124 -2.01 -13.27 14.53
N LYS A 125 -1.82 -13.38 13.22
CA LYS A 125 -0.58 -13.91 12.65
C LYS A 125 0.42 -12.78 12.42
N PRO A 126 1.52 -12.71 13.17
CA PRO A 126 2.46 -11.60 12.99
C PRO A 126 3.10 -11.61 11.60
N VAL A 127 3.20 -10.42 11.01
CA VAL A 127 3.89 -10.21 9.73
C VAL A 127 4.93 -9.12 9.94
N ILE A 128 6.18 -9.42 9.63
CA ILE A 128 7.31 -8.55 9.95
C ILE A 128 8.14 -8.33 8.69
N GLY A 129 8.54 -7.09 8.42
CA GLY A 129 9.27 -6.74 7.22
C GLY A 129 10.70 -6.35 7.55
N VAL A 130 11.63 -6.87 6.76
CA VAL A 130 13.05 -6.52 6.88
C VAL A 130 13.51 -5.94 5.55
N ASN A 131 14.04 -4.71 5.60
CA ASN A 131 14.54 -3.98 4.43
C ASN A 131 15.89 -4.57 4.03
N THR A 132 15.92 -5.34 2.94
CA THR A 132 17.16 -6.01 2.53
C THR A 132 18.04 -5.18 1.58
N ASP A 133 17.62 -4.00 1.13
CA ASP A 133 18.46 -3.16 0.28
C ASP A 133 18.16 -1.71 0.62
N PRO A 134 18.59 -1.25 1.81
CA PRO A 134 18.12 0.07 2.30
C PRO A 134 18.58 1.27 1.48
N GLU A 135 19.58 1.09 0.62
CA GLU A 135 20.01 2.21 -0.24
C GLU A 135 19.02 2.39 -1.39
N ARG A 136 18.26 1.36 -1.71
CA ARG A 136 17.30 1.43 -2.81
C ARG A 136 15.87 1.15 -2.40
N SER A 137 15.62 0.56 -1.24
CA SER A 137 14.28 0.30 -0.75
C SER A 137 13.96 1.27 0.38
N GLU A 138 12.83 1.98 0.24
CA GLU A 138 12.34 2.85 1.30
C GLU A 138 12.03 2.05 2.57
N GLY A 139 11.29 0.95 2.45
CA GLY A 139 11.00 0.08 3.57
C GLY A 139 10.26 0.74 4.73
N HIS A 140 9.23 1.52 4.38
CA HIS A 140 8.43 2.21 5.38
C HIS A 140 7.66 1.22 6.25
N LEU A 141 7.22 0.10 5.67
CA LEU A 141 6.47 -0.94 6.36
C LEU A 141 7.37 -1.95 7.06
N CYS A 142 8.69 -1.73 7.05
CA CYS A 142 9.67 -2.70 7.51
C CYS A 142 10.29 -2.22 8.81
N LEU A 143 11.02 -3.13 9.46
CA LEU A 143 11.79 -2.78 10.63
C LEU A 143 12.80 -1.69 10.28
N PRO A 144 13.17 -0.86 11.26
CA PRO A 144 14.23 0.12 11.03
C PRO A 144 15.48 -0.52 10.46
N VAL A 145 16.19 0.26 9.63
CA VAL A 145 17.29 -0.21 8.81
C VAL A 145 18.39 -0.90 9.63
N ARG A 146 18.61 -0.45 10.87
CA ARG A 146 19.66 -1.08 11.68
C ARG A 146 19.43 -2.58 11.87
N TYR A 147 18.18 -3.03 11.89
CA TYR A 147 17.98 -4.45 12.13
C TYR A 147 18.30 -5.30 10.92
N THR A 148 18.51 -4.69 9.75
CA THR A 148 18.86 -5.44 8.56
C THR A 148 20.16 -6.21 8.73
N HIS A 149 21.15 -5.61 9.39
CA HIS A 149 22.41 -6.28 9.67
C HIS A 149 22.61 -6.51 11.16
N SER A 150 21.57 -6.34 11.96
CA SER A 150 21.59 -6.62 13.40
C SER A 150 20.29 -7.31 13.79
N PHE A 151 19.97 -8.39 13.08
CA PHE A 151 18.71 -9.09 13.28
C PHE A 151 18.64 -9.86 14.62
N PRO A 152 19.73 -10.47 15.10
CA PRO A 152 19.62 -11.09 16.43
C PRO A 152 19.19 -10.10 17.48
N GLU A 153 19.55 -8.82 17.30
CA GLU A 153 19.08 -7.80 18.23
C GLU A 153 17.56 -7.66 18.16
N ALA A 154 17.00 -7.80 16.96
CA ALA A 154 15.55 -7.69 16.85
C ALA A 154 14.87 -8.88 17.49
N LEU A 155 15.37 -10.09 17.21
CA LEU A 155 14.86 -11.30 17.88
C LEU A 155 14.88 -11.18 19.40
N GLN A 156 15.98 -10.65 19.96
CA GLN A 156 16.05 -10.53 21.42
C GLN A 156 15.05 -9.50 21.93
N LYS A 157 14.89 -8.40 21.21
CA LYS A 157 13.88 -7.41 21.58
C LYS A 157 12.48 -8.02 21.55
N PHE A 158 12.20 -8.83 20.52
CA PHE A 158 10.94 -9.57 20.49
C PHE A 158 10.83 -10.49 21.69
N TYR A 159 11.88 -11.27 21.95
CA TYR A 159 11.86 -12.23 23.05
C TYR A 159 11.56 -11.54 24.37
N ARG A 160 12.14 -10.37 24.59
CA ARG A 160 11.94 -9.65 25.84
C ARG A 160 10.71 -8.76 25.83
N GLY A 161 9.94 -8.73 24.76
CA GLY A 161 8.79 -7.86 24.71
C GLY A 161 9.11 -6.38 24.65
N GLU A 162 10.29 -6.01 24.14
CA GLU A 162 10.64 -4.60 23.95
C GLU A 162 10.16 -4.15 22.57
N PHE A 163 8.84 -4.06 22.45
CA PHE A 163 8.16 -3.71 21.21
C PHE A 163 6.67 -3.59 21.52
N ARG A 164 5.93 -3.12 20.54
CA ARG A 164 4.48 -2.91 20.64
C ARG A 164 3.81 -3.51 19.41
N TRP A 165 2.66 -4.15 19.59
CA TRP A 165 1.89 -4.61 18.45
C TRP A 165 1.25 -3.43 17.73
N LEU A 166 1.28 -3.46 16.40
CA LEU A 166 0.57 -2.46 15.60
C LEU A 166 -0.38 -3.21 14.66
N TRP A 167 -1.68 -3.08 14.87
CA TRP A 167 -2.63 -3.66 13.93
C TRP A 167 -2.97 -2.63 12.86
N ARG A 168 -2.52 -2.89 11.62
CA ARG A 168 -2.77 -1.98 10.50
C ARG A 168 -4.12 -2.33 9.90
N GLN A 169 -5.02 -1.34 9.84
CA GLN A 169 -6.31 -1.55 9.21
C GLN A 169 -6.12 -1.83 7.73
N ARG A 170 -7.05 -2.61 7.16
CA ARG A 170 -7.07 -2.94 5.75
C ARG A 170 -8.50 -2.86 5.22
N ILE A 171 -8.61 -2.59 3.91
CA ILE A 171 -9.90 -2.52 3.23
C ILE A 171 -10.27 -3.87 2.64
N ARG A 172 -11.53 -4.29 2.86
CA ARG A 172 -12.07 -5.43 2.13
C ARG A 172 -13.03 -5.00 1.04
N LEU A 173 -13.11 -5.84 0.00
CA LEU A 173 -13.80 -5.55 -1.24
C LEU A 173 -14.91 -6.57 -1.49
N TYR A 174 -16.13 -6.07 -1.68
CA TYR A 174 -17.24 -6.86 -2.18
C TYR A 174 -17.56 -6.48 -3.63
N LEU A 175 -18.10 -7.45 -4.37
CA LEU A 175 -18.45 -7.27 -5.77
C LEU A 175 -19.82 -7.87 -6.06
N GLU A 176 -20.63 -7.13 -6.81
CA GLU A 176 -21.94 -7.57 -7.23
C GLU A 176 -22.25 -6.89 -8.56
N GLY A 177 -23.43 -7.20 -9.10
CA GLY A 177 -23.92 -6.57 -10.29
C GLY A 177 -24.13 -7.57 -11.41
N THR A 178 -24.02 -7.07 -12.65
CA THR A 178 -24.19 -7.86 -13.86
C THR A 178 -22.87 -8.00 -14.60
N GLY A 179 -22.65 -9.16 -15.19
CA GLY A 179 -21.48 -9.37 -16.02
C GLY A 179 -20.17 -9.38 -15.28
N ILE A 180 -20.20 -9.64 -13.97
CA ILE A 180 -19.00 -9.45 -13.17
C ILE A 180 -18.11 -10.68 -13.28
N ASN A 181 -16.82 -10.45 -13.02
CA ASN A 181 -15.82 -11.52 -13.01
C ASN A 181 -14.99 -11.32 -11.75
N PRO A 182 -15.24 -12.09 -10.69
CA PRO A 182 -14.56 -11.87 -9.41
C PRO A 182 -13.18 -12.50 -9.28
N VAL A 183 -12.66 -13.06 -10.37
CA VAL A 183 -11.42 -13.85 -10.27
C VAL A 183 -10.23 -12.89 -10.21
N PRO A 184 -9.35 -13.03 -9.21
CA PRO A 184 -8.22 -12.11 -9.10
C PRO A 184 -7.15 -12.41 -10.14
N VAL A 185 -6.50 -11.35 -10.62
CA VAL A 185 -5.38 -11.46 -11.56
C VAL A 185 -4.12 -10.99 -10.84
N ASP A 186 -3.09 -11.83 -10.86
CA ASP A 186 -1.85 -11.51 -10.18
C ASP A 186 -0.95 -10.70 -11.11
N LEU A 187 -0.78 -9.41 -10.80
CA LEU A 187 -0.12 -8.48 -11.73
C LEU A 187 1.36 -8.74 -11.89
N HIS A 188 1.99 -9.47 -10.97
CA HIS A 188 3.40 -9.80 -11.11
C HIS A 188 3.60 -11.14 -11.82
N GLU A 189 2.63 -11.53 -12.63
CA GLU A 189 2.63 -12.76 -13.44
C GLU A 189 2.92 -14.00 -12.61
N ALA A 213 -27.06 -11.10 -12.98
CA ALA A 213 -27.39 -10.50 -11.69
C ALA A 213 -26.91 -11.41 -10.56
N SER A 214 -25.99 -10.91 -9.73
CA SER A 214 -25.46 -11.68 -8.62
C SER A 214 -25.28 -10.78 -7.40
N GLY A 215 -25.40 -11.39 -6.20
CA GLY A 215 -25.27 -10.68 -4.94
C GLY A 215 -23.82 -10.51 -4.52
N PRO A 216 -23.63 -9.78 -3.41
CA PRO A 216 -22.27 -9.38 -3.02
C PRO A 216 -21.45 -10.59 -2.64
N GLN A 217 -20.23 -10.66 -3.19
CA GLN A 217 -19.31 -11.70 -2.79
C GLN A 217 -17.97 -11.08 -2.42
N LEU A 218 -17.34 -11.70 -1.41
CA LEU A 218 -16.11 -11.19 -0.84
C LEU A 218 -14.92 -11.50 -1.74
N LEU A 219 -14.17 -10.49 -2.09
CA LEU A 219 -13.00 -10.74 -2.91
C LEU A 219 -11.84 -11.24 -2.03
N PRO A 220 -10.98 -12.10 -2.57
CA PRO A 220 -10.04 -12.86 -1.73
C PRO A 220 -8.76 -12.13 -1.32
N VAL A 221 -8.61 -10.83 -1.55
CA VAL A 221 -7.52 -10.06 -0.95
C VAL A 221 -8.07 -8.84 -0.23
N ARG A 222 -7.28 -8.37 0.72
CA ARG A 222 -7.53 -7.12 1.42
C ARG A 222 -6.48 -6.12 0.97
N ALA A 223 -6.84 -4.84 0.99
CA ALA A 223 -5.92 -3.77 0.63
C ALA A 223 -5.23 -3.25 1.87
N LEU A 224 -3.91 -3.44 1.95
CA LEU A 224 -3.14 -2.81 3.01
C LEU A 224 -2.75 -1.37 2.64
N ASN A 225 -2.51 -1.07 1.36
CA ASN A 225 -2.23 0.31 0.96
C ASN A 225 -3.50 0.98 0.44
N GLU A 226 -4.03 0.53 -0.70
CA GLU A 226 -5.18 1.18 -1.31
C GLU A 226 -5.82 0.27 -2.34
N VAL A 227 -7.05 0.62 -2.70
CA VAL A 227 -7.73 0.13 -3.88
C VAL A 227 -7.70 1.25 -4.93
N PHE A 228 -7.16 0.96 -6.11
CA PHE A 228 -7.22 1.88 -7.23
C PHE A 228 -8.24 1.36 -8.24
N ILE A 229 -9.10 2.24 -8.71
CA ILE A 229 -10.14 1.90 -9.69
C ILE A 229 -9.96 2.79 -10.91
N GLY A 230 -9.78 2.19 -12.08
CA GLY A 230 -9.75 2.99 -13.30
C GLY A 230 -9.66 2.14 -14.55
N GLU A 231 -9.84 2.81 -15.68
CA GLU A 231 -9.68 2.21 -16.99
C GLU A 231 -8.24 1.73 -17.16
N SER A 232 -8.10 0.63 -17.88
CA SER A 232 -6.77 0.09 -18.11
C SER A 232 -5.94 1.00 -19.00
N LEU A 233 -6.55 1.61 -20.02
CA LEU A 233 -5.78 2.50 -20.91
C LEU A 233 -5.49 3.81 -20.18
N SER A 234 -4.21 4.19 -20.13
CA SER A 234 -3.83 5.30 -19.27
C SER A 234 -4.46 6.62 -19.71
N SER A 235 -4.76 6.77 -21.00
CA SER A 235 -5.31 8.02 -21.52
C SER A 235 -6.83 8.01 -21.58
N ARG A 236 -7.48 6.92 -21.20
CA ARG A 236 -8.94 6.82 -21.26
C ARG A 236 -9.53 7.32 -19.94
N ALA A 237 -10.25 8.44 -20.00
CA ALA A 237 -11.02 8.91 -18.86
C ALA A 237 -11.90 7.81 -18.29
N SER A 238 -12.01 7.75 -16.96
CA SER A 238 -12.85 6.79 -16.28
C SER A 238 -14.19 7.42 -15.90
N TYR A 239 -15.24 6.62 -15.94
CA TYR A 239 -16.62 7.04 -15.71
C TYR A 239 -17.29 6.05 -14.75
N TYR A 240 -17.92 6.57 -13.70
CA TYR A 240 -18.55 5.72 -12.68
C TYR A 240 -19.50 6.59 -11.86
N GLU A 241 -20.16 5.95 -10.90
CA GLU A 241 -20.98 6.63 -9.91
C GLU A 241 -20.53 6.16 -8.54
N ILE A 242 -20.51 7.08 -7.58
CA ILE A 242 -19.89 6.86 -6.29
C ILE A 242 -20.89 7.18 -5.18
N SER A 243 -21.01 6.27 -4.21
CA SER A 243 -21.80 6.50 -3.02
C SER A 243 -20.88 6.41 -1.82
N VAL A 244 -20.83 7.48 -1.05
CA VAL A 244 -19.95 7.58 0.12
C VAL A 244 -20.81 7.51 1.37
N ASP A 245 -20.53 6.51 2.21
CA ASP A 245 -21.25 6.30 3.46
C ASP A 245 -22.76 6.24 3.22
N ASP A 246 -23.14 5.45 2.22
CA ASP A 246 -24.54 5.24 1.83
C ASP A 246 -25.23 6.52 1.35
N GLY A 247 -24.47 7.54 0.97
CA GLY A 247 -25.05 8.77 0.46
C GLY A 247 -25.57 8.62 -0.96
N PRO A 248 -26.08 9.72 -1.49
CA PRO A 248 -26.59 9.71 -2.87
C PRO A 248 -25.51 9.34 -3.90
N TRP A 249 -25.96 8.71 -4.98
CA TRP A 249 -25.07 8.35 -6.08
C TRP A 249 -24.68 9.61 -6.86
N GLU A 250 -23.39 9.75 -7.16
CA GLU A 250 -22.86 10.94 -7.81
C GLU A 250 -21.95 10.54 -8.96
N LYS A 251 -22.28 11.00 -10.17
CA LYS A 251 -21.49 10.69 -11.35
C LYS A 251 -20.15 11.43 -11.31
N GLN A 252 -19.08 10.70 -11.61
CA GLN A 252 -17.75 11.28 -11.70
C GLN A 252 -17.11 10.89 -13.03
N LYS A 253 -16.32 11.80 -13.57
CA LYS A 253 -15.41 11.51 -14.68
C LYS A 253 -14.03 11.96 -14.26
N SER A 254 -13.03 11.09 -14.36
CA SER A 254 -11.68 11.41 -13.89
C SER A 254 -10.71 10.37 -14.43
N SER A 255 -9.45 10.44 -13.96
CA SER A 255 -8.46 9.41 -14.21
C SER A 255 -8.40 8.37 -13.11
N GLY A 256 -9.52 8.08 -12.45
CA GLY A 256 -9.56 6.99 -11.50
C GLY A 256 -9.83 7.48 -10.08
N LEU A 257 -10.03 6.49 -9.20
CA LEU A 257 -10.22 6.66 -7.77
C LEU A 257 -9.16 5.91 -6.98
N ASN A 258 -8.73 6.53 -5.90
CA ASN A 258 -7.81 5.94 -4.95
C ASN A 258 -8.51 5.88 -3.60
N LEU A 259 -8.49 4.71 -2.96
CA LEU A 259 -9.16 4.47 -1.68
C LEU A 259 -8.14 3.80 -0.78
N CYS A 260 -7.48 4.57 0.08
CA CYS A 260 -6.35 4.06 0.84
C CYS A 260 -6.71 3.96 2.33
N THR A 261 -5.90 3.19 3.05
CA THR A 261 -5.88 3.11 4.50
C THR A 261 -4.93 4.15 5.08
N GLY A 262 -4.90 4.24 6.41
CA GLY A 262 -3.84 5.01 7.06
C GLY A 262 -2.45 4.57 6.64
N THR A 263 -2.21 3.25 6.55
CA THR A 263 -0.94 2.76 6.02
C THR A 263 -0.71 3.29 4.62
N GLY A 264 -1.73 3.22 3.77
CA GLY A 264 -1.59 3.69 2.40
C GLY A 264 -1.59 5.21 2.25
N SER A 265 -1.76 5.97 3.33
CA SER A 265 -1.90 7.41 3.18
C SER A 265 -0.60 8.08 2.75
N LYS A 266 0.54 7.44 3.09
CA LYS A 266 1.88 7.89 2.70
C LYS A 266 2.31 7.39 1.32
N ALA A 267 1.58 6.44 0.73
CA ALA A 267 1.93 5.87 -0.56
C ALA A 267 1.29 6.67 -1.72
N TRP A 268 0.68 5.97 -2.68
CA TRP A 268 0.11 6.63 -3.85
C TRP A 268 -0.72 7.85 -3.47
N SER A 269 -1.62 7.67 -2.50
CA SER A 269 -2.50 8.75 -2.05
C SER A 269 -1.74 10.02 -1.72
N PHE A 270 -0.54 9.91 -1.13
CA PHE A 270 0.23 11.10 -0.82
C PHE A 270 0.61 11.88 -2.07
N ASN A 271 1.04 11.17 -3.11
CA ASN A 271 1.56 11.85 -4.30
C ASN A 271 0.45 12.33 -5.20
N ILE A 272 -0.76 11.79 -5.05
CA ILE A 272 -1.91 12.32 -5.75
C ILE A 272 -2.35 13.67 -5.18
N ASN A 273 -2.17 13.87 -3.86
CA ASN A 273 -2.82 14.95 -3.13
C ASN A 273 -1.87 16.03 -2.62
N ARG A 274 -0.59 15.72 -2.44
CA ARG A 274 0.34 16.69 -1.88
C ARG A 274 0.49 17.88 -2.83
N VAL A 275 0.68 19.05 -2.26
CA VAL A 275 0.91 20.26 -3.04
C VAL A 275 2.39 20.58 -3.02
N ALA A 276 2.85 21.17 -4.12
CA ALA A 276 4.25 21.56 -4.26
C ALA A 276 4.49 22.85 -3.49
N THR A 277 5.74 23.00 -3.04
CA THR A 277 6.09 24.22 -2.30
C THR A 277 5.96 25.45 -3.20
N GLN A 278 6.13 25.29 -4.51
CA GLN A 278 5.91 26.41 -5.43
C GLN A 278 4.44 26.82 -5.45
N ALA A 279 3.54 25.83 -5.53
CA ALA A 279 2.11 26.13 -5.55
C ALA A 279 1.69 26.88 -4.30
N VAL A 280 2.20 26.47 -3.14
CA VAL A 280 1.94 27.18 -1.90
C VAL A 280 2.50 28.60 -1.98
N GLU A 281 3.75 28.74 -2.45
CA GLU A 281 4.34 30.06 -2.65
C GLU A 281 3.47 30.93 -3.55
N ASP A 282 2.93 30.36 -4.63
CA ASP A 282 2.04 31.11 -5.51
C ASP A 282 0.76 31.51 -4.80
N VAL A 283 0.08 30.54 -4.17
CA VAL A 283 -1.18 30.81 -3.49
C VAL A 283 -1.03 31.92 -2.45
N LEU A 284 0.09 31.91 -1.71
CA LEU A 284 0.33 32.96 -0.73
C LEU A 284 0.55 34.31 -1.39
N ASN A 285 1.32 34.33 -2.48
CA ASN A 285 1.57 35.59 -3.18
C ASN A 285 0.27 36.17 -3.75
N ILE A 286 -0.62 35.29 -4.22
CA ILE A 286 -1.93 35.73 -4.69
C ILE A 286 -2.68 36.43 -3.58
N ALA A 287 -2.56 35.91 -2.35
CA ALA A 287 -3.32 36.45 -1.22
C ALA A 287 -2.83 37.84 -0.82
N LYS A 288 -1.60 38.18 -1.21
CA LYS A 288 -1.16 39.56 -0.98
C LYS A 288 -1.90 40.42 -2.01
N ARG A 289 -1.57 40.27 -3.30
CA ARG A 289 -2.19 41.10 -4.32
C ARG A 289 -3.66 41.33 -4.05
N GLN A 290 -4.39 40.26 -3.76
CA GLN A 290 -5.84 40.26 -3.75
C GLN A 290 -6.41 40.50 -2.37
N GLY A 291 -5.92 41.54 -1.69
CA GLY A 291 -6.43 41.86 -0.37
C GLY A 291 -5.35 42.12 0.67
N ASN A 292 -4.10 42.26 0.22
CA ASN A 292 -2.95 42.59 1.08
C ASN A 292 -2.97 41.79 2.39
N LEU A 293 -3.00 40.47 2.26
CA LEU A 293 -3.13 39.58 3.41
C LEU A 293 -1.86 39.50 4.25
N SER A 294 -1.16 40.62 4.40
CA SER A 294 -0.05 40.87 5.33
C SER A 294 1.01 39.75 5.25
N LEU A 295 1.70 39.53 6.38
CA LEU A 295 2.73 38.51 6.60
C LEU A 295 3.97 38.76 5.75
N PRO A 296 5.12 38.22 6.16
CA PRO A 296 6.29 38.19 5.25
C PRO A 296 6.56 36.78 4.76
N LEU A 297 6.26 36.53 3.48
CA LEU A 297 6.53 35.22 2.89
C LEU A 297 8.02 35.05 2.68
N ASN A 298 8.57 33.98 3.22
CA ASN A 298 10.00 33.70 3.09
C ASN A 298 10.18 32.23 2.74
N ARG A 299 11.40 31.90 2.31
CA ARG A 299 11.81 30.50 2.13
C ARG A 299 11.33 29.64 3.29
N GLU A 300 11.65 30.05 4.52
CA GLU A 300 11.30 29.26 5.70
C GLU A 300 9.79 29.08 5.82
N LEU A 301 9.03 30.17 5.73
CA LEU A 301 7.59 30.10 5.99
C LEU A 301 6.89 29.24 4.95
N VAL A 302 7.28 29.36 3.68
CA VAL A 302 6.59 28.64 2.61
C VAL A 302 6.78 27.13 2.78
N GLU A 303 8.00 26.70 3.11
CA GLU A 303 8.19 25.27 3.37
C GLU A 303 7.35 24.79 4.54
N LYS A 304 7.28 25.62 5.57
CA LYS A 304 6.55 25.26 6.80
C LYS A 304 5.09 25.03 6.46
N VAL A 305 4.43 26.06 5.94
CA VAL A 305 3.02 25.94 5.60
C VAL A 305 2.79 24.78 4.63
N THR A 306 3.74 24.57 3.70
CA THR A 306 3.62 23.41 2.80
C THR A 306 3.60 22.11 3.59
N ASN A 307 4.53 21.97 4.52
CA ASN A 307 4.64 20.75 5.29
C ASN A 307 3.42 20.53 6.17
N GLU A 308 2.87 21.60 6.71
CA GLU A 308 1.67 21.44 7.53
C GLU A 308 0.51 20.93 6.69
N TYR A 309 0.36 21.46 5.48
CA TYR A 309 -0.71 20.97 4.61
C TYR A 309 -0.53 19.50 4.28
N ASN A 310 0.71 19.09 4.00
CA ASN A 310 0.91 17.73 3.50
C ASN A 310 0.75 16.70 4.60
N GLU A 311 1.14 17.04 5.84
CA GLU A 311 0.89 16.15 6.97
C GLU A 311 -0.61 15.89 7.16
N SER A 312 -1.44 16.89 6.87
CA SER A 312 -2.89 16.69 6.98
C SER A 312 -3.39 15.55 6.10
N LEU A 313 -2.59 15.12 5.11
CA LEU A 313 -2.96 14.01 4.24
C LEU A 313 -2.63 12.65 4.83
N LEU A 314 -1.80 12.59 5.87
CA LEU A 314 -1.41 11.34 6.50
C LEU A 314 -2.25 11.11 7.75
N TYR A 315 -2.66 9.86 7.97
CA TYR A 315 -3.36 9.52 9.20
C TYR A 315 -2.89 8.16 9.71
N SER A 316 -3.34 7.83 10.92
CA SER A 316 -2.81 6.69 11.66
C SER A 316 -3.17 5.36 10.98
N PRO A 317 -2.23 4.42 10.91
CA PRO A 317 -2.56 3.11 10.32
C PRO A 317 -3.64 2.37 11.09
N GLU A 318 -3.89 2.74 12.33
CA GLU A 318 -4.83 2.05 13.20
C GLU A 318 -6.26 2.56 13.08
N GLU A 319 -6.48 3.70 12.44
CA GLU A 319 -7.80 4.31 12.44
C GLU A 319 -8.66 3.68 11.32
N PRO A 320 -9.87 3.19 11.63
CA PRO A 320 -10.70 2.45 10.64
C PRO A 320 -11.50 3.38 9.75
N LYS A 321 -10.80 4.10 8.87
CA LYS A 321 -11.41 5.05 7.98
C LYS A 321 -10.69 4.97 6.65
N ILE A 322 -11.44 5.23 5.57
CA ILE A 322 -10.90 5.22 4.23
C ILE A 322 -10.76 6.65 3.75
N LEU A 323 -9.56 7.02 3.31
CA LEU A 323 -9.32 8.27 2.62
C LEU A 323 -9.49 8.03 1.14
N PHE A 324 -10.54 8.60 0.53
CA PHE A 324 -10.73 8.39 -0.89
C PHE A 324 -10.54 9.69 -1.67
N SER A 325 -9.89 9.56 -2.83
CA SER A 325 -9.50 10.68 -3.67
C SER A 325 -10.01 10.45 -5.09
N ILE A 326 -10.72 11.42 -5.65
CA ILE A 326 -10.98 11.46 -7.08
C ILE A 326 -9.71 11.96 -7.75
N ARG A 327 -9.09 11.08 -8.54
CA ARG A 327 -7.84 11.40 -9.22
C ARG A 327 -8.10 12.17 -10.52
N GLU A 328 -7.60 13.40 -10.59
CA GLU A 328 -7.75 14.27 -11.75
C GLU A 328 -9.19 14.34 -12.30
N PRO A 329 -10.14 14.83 -11.51
CA PRO A 329 -11.51 14.97 -12.03
C PRO A 329 -11.60 16.00 -13.14
N ILE A 330 -12.51 15.75 -14.07
CA ILE A 330 -12.83 16.67 -15.15
C ILE A 330 -14.10 17.40 -14.80
N ALA A 331 -14.04 18.73 -14.73
CA ALA A 331 -15.24 19.50 -14.47
C ALA A 331 -15.87 19.98 -15.79
N ASN A 332 -15.45 21.15 -16.29
CA ASN A 332 -16.02 21.94 -17.40
C ASN A 332 -17.56 22.03 -17.48
N ARG A 333 -18.08 22.38 -18.66
CA ARG A 333 -19.46 22.80 -18.82
C ARG A 333 -20.43 21.66 -19.09
N VAL A 334 -19.95 20.42 -19.17
CA VAL A 334 -20.79 19.26 -19.51
C VAL A 334 -20.73 18.24 -18.38
N PHE A 335 -19.67 18.27 -17.58
CA PHE A 335 -19.52 17.44 -16.39
C PHE A 335 -19.39 18.32 -15.16
N SER A 336 -19.60 17.72 -13.98
CA SER A 336 -19.45 18.45 -12.73
C SER A 336 -19.07 17.47 -11.63
N SER A 337 -18.02 17.81 -10.88
CA SER A 337 -17.55 16.99 -9.76
C SER A 337 -17.71 17.74 -8.45
N SER A 338 -17.65 17.00 -7.35
CA SER A 338 -17.85 17.56 -6.02
C SER A 338 -16.53 17.66 -5.26
N ARG A 339 -16.39 16.92 -4.16
CA ARG A 339 -15.18 16.98 -3.35
C ARG A 339 -14.07 16.16 -3.99
N GLN A 340 -12.84 16.63 -3.84
CA GLN A 340 -11.68 15.91 -4.36
C GLN A 340 -11.32 14.73 -3.48
N ARG A 341 -11.41 14.90 -2.16
CA ARG A 341 -11.01 13.87 -1.22
C ARG A 341 -11.78 14.04 0.09
N CYS A 342 -11.95 12.93 0.80
CA CYS A 342 -12.57 12.94 2.12
C CYS A 342 -12.41 11.58 2.78
N PHE A 343 -12.57 11.58 4.10
CA PHE A 343 -12.59 10.38 4.89
C PHE A 343 -13.97 9.75 4.87
N SER A 344 -14.02 8.43 5.10
CA SER A 344 -15.28 7.70 5.06
C SER A 344 -15.08 6.34 5.69
N SER A 345 -16.18 5.72 6.09
CA SER A 345 -16.16 4.33 6.50
C SER A 345 -16.54 3.39 5.38
N LYS A 346 -17.11 3.90 4.28
CA LYS A 346 -17.75 3.04 3.30
C LYS A 346 -17.85 3.79 1.98
N VAL A 347 -17.38 3.17 0.90
CA VAL A 347 -17.49 3.72 -0.44
C VAL A 347 -18.02 2.63 -1.36
N CYS A 348 -19.10 2.94 -2.08
CA CYS A 348 -19.65 2.03 -3.08
C CYS A 348 -19.45 2.67 -4.45
N VAL A 349 -18.94 1.88 -5.40
CA VAL A 349 -18.65 2.41 -6.72
C VAL A 349 -19.38 1.53 -7.74
N ARG A 350 -20.15 2.16 -8.62
CA ARG A 350 -20.80 1.45 -9.70
C ARG A 350 -20.04 1.76 -10.97
N SER A 351 -19.47 0.73 -11.61
CA SER A 351 -18.68 0.94 -12.82
C SER A 351 -19.54 1.39 -13.98
N ARG A 352 -19.02 2.34 -14.76
CA ARG A 352 -19.57 2.68 -16.07
C ARG A 352 -18.50 2.54 -17.15
N CYS A 353 -17.49 1.72 -16.89
CA CYS A 353 -16.26 1.71 -17.66
C CYS A 353 -16.31 0.70 -18.81
N TRP A 354 -15.42 0.89 -19.78
CA TRP A 354 -15.32 -0.02 -20.90
C TRP A 354 -14.42 -1.21 -20.57
N ASP A 355 -13.24 -0.92 -20.02
CA ASP A 355 -12.21 -1.94 -19.82
C ASP A 355 -11.31 -1.52 -18.67
N ALA A 356 -11.87 -1.57 -17.46
CA ALA A 356 -11.28 -1.05 -16.24
C ALA A 356 -10.98 -2.15 -15.24
N CYS A 357 -10.19 -1.79 -14.22
CA CYS A 357 -9.77 -2.72 -13.19
C CYS A 357 -9.79 -2.06 -11.82
N MET A 358 -10.00 -2.91 -10.80
CA MET A 358 -9.84 -2.59 -9.38
C MET A 358 -8.51 -3.20 -8.96
N VAL A 359 -7.54 -2.37 -8.60
CA VAL A 359 -6.18 -2.87 -8.32
C VAL A 359 -5.91 -2.74 -6.82
N VAL A 360 -5.61 -3.86 -6.18
CA VAL A 360 -5.32 -3.89 -4.74
C VAL A 360 -3.81 -3.90 -4.50
N ASP A 361 -3.32 -2.86 -3.82
CA ASP A 361 -1.90 -2.73 -3.45
C ASP A 361 -0.95 -2.95 -4.63
N GLY A 362 -1.37 -2.56 -5.84
CA GLY A 362 -0.53 -2.72 -7.01
C GLY A 362 -0.21 -4.16 -7.41
N GLY A 363 -0.89 -5.13 -6.80
CA GLY A 363 -0.51 -6.52 -7.00
C GLY A 363 -1.60 -7.45 -7.52
N THR A 364 -2.84 -7.21 -7.13
CA THR A 364 -3.97 -8.04 -7.54
C THR A 364 -5.00 -7.16 -8.23
N SER A 365 -5.44 -7.60 -9.42
CA SER A 365 -6.36 -6.83 -10.25
C SER A 365 -7.66 -7.59 -10.46
N PHE A 366 -8.77 -6.87 -10.46
CA PHE A 366 -10.10 -7.43 -10.72
C PHE A 366 -10.78 -6.65 -11.84
N GLU A 367 -11.54 -7.36 -12.67
CA GLU A 367 -12.33 -6.72 -13.72
C GLU A 367 -13.40 -5.82 -13.09
N PHE A 368 -13.64 -4.67 -13.71
CA PHE A 368 -14.63 -3.77 -13.11
C PHE A 368 -15.26 -2.91 -14.22
N ASN A 369 -16.11 -3.51 -15.03
CA ASN A 369 -16.74 -2.80 -16.15
C ASN A 369 -18.23 -2.57 -15.91
N ASP A 370 -18.81 -1.80 -16.83
CA ASP A 370 -20.20 -1.36 -16.73
C ASP A 370 -21.12 -2.48 -16.27
N GLY A 371 -21.84 -2.24 -15.17
CA GLY A 371 -22.68 -3.24 -14.54
C GLY A 371 -22.13 -3.74 -13.21
N ALA A 372 -20.82 -3.67 -13.00
CA ALA A 372 -20.21 -4.10 -11.77
C ALA A 372 -20.38 -3.04 -10.69
N ILE A 373 -20.66 -3.50 -9.47
CA ILE A 373 -20.80 -2.64 -8.30
C ILE A 373 -19.88 -3.17 -7.21
N ALA A 374 -18.94 -2.35 -6.77
CA ALA A 374 -18.03 -2.73 -5.70
C ALA A 374 -18.35 -1.93 -4.44
N SER A 375 -18.26 -2.58 -3.29
CA SER A 375 -18.32 -1.88 -2.02
C SER A 375 -17.10 -2.21 -1.18
N MET A 376 -16.49 -1.16 -0.62
CA MET A 376 -15.28 -1.24 0.17
C MET A 376 -15.63 -0.83 1.60
N MET A 377 -15.12 -1.56 2.59
CA MET A 377 -15.27 -1.14 3.98
C MET A 377 -14.05 -1.60 4.77
N ILE A 378 -14.05 -1.34 6.08
CA ILE A 378 -12.98 -1.74 6.99
C ILE A 378 -13.58 -2.59 8.12
N ASN A 379 -13.04 -3.80 8.26
CA ASN A 379 -13.55 -4.83 9.17
C ASN A 379 -12.42 -5.24 10.12
N LYS A 380 -12.72 -5.30 11.42
CA LYS A 380 -11.67 -5.61 12.40
C LYS A 380 -10.99 -6.94 12.11
N GLU A 381 -11.72 -7.92 11.58
CA GLU A 381 -11.04 -9.20 11.35
C GLU A 381 -10.03 -9.13 10.21
N ASP A 382 -9.90 -7.99 9.51
CA ASP A 382 -8.90 -7.81 8.45
C ASP A 382 -7.65 -7.06 8.93
N GLU A 383 -7.58 -6.69 10.20
CA GLU A 383 -6.38 -6.05 10.73
C GLU A 383 -5.14 -6.92 10.50
N LEU A 384 -4.04 -6.30 10.13
CA LEU A 384 -2.78 -7.00 9.89
C LEU A 384 -1.87 -6.76 11.09
N ARG A 385 -1.45 -7.85 11.74
CA ARG A 385 -0.66 -7.77 12.96
C ARG A 385 0.82 -7.51 12.64
N THR A 386 1.31 -6.31 12.97
CA THR A 386 2.70 -5.92 12.69
C THR A 386 3.35 -5.44 13.98
N VAL A 387 4.67 -5.20 13.94
CA VAL A 387 5.43 -4.88 15.14
C VAL A 387 6.09 -3.50 14.99
N LEU A 388 6.44 -2.91 16.14
CA LEU A 388 7.12 -1.62 16.22
C LEU A 388 8.36 -1.75 17.07
N LEU A 389 9.51 -1.47 16.46
CA LEU A 389 10.81 -1.51 17.19
C LEU A 389 11.42 -0.12 17.21
N GLU A 390 12.25 0.15 18.21
CA GLU A 390 13.00 1.42 18.39
C GLU A 390 14.17 1.41 17.42
N GLN A 391 14.68 2.58 17.02
CA GLN A 391 15.84 2.63 16.11
C GLN A 391 16.83 3.69 16.58
#